data_4Q9M
#
_entry.id   4Q9M
#
_cell.length_a   91.850
_cell.length_b   91.850
_cell.length_c   155.540
_cell.angle_alpha   90.00
_cell.angle_beta   90.00
_cell.angle_gamma   90.00
#
_symmetry.space_group_name_H-M   'P 43 21 2'
#
loop_
_entity.id
_entity.type
_entity.pdbx_description
1 polymer 'Isoprenyl transferase'
2 non-polymer 3-(2-chlorophenyl)-5-methyl-N-[4-(propan-2-yl)phenyl]-1,2-oxazole-4-carboxamide
3 non-polymer 'FARNESYL DIPHOSPHATE'
4 non-polymer 'CADMIUM ION'
5 water water
#
_entity_poly.entity_id   1
_entity_poly.type   'polypeptide(L)'
_entity_poly.pdbx_seq_one_letter_code
;GSMAVEVEVPTQVPAHIGIIMDGNGRWAKKRMQPRVFGHKAGMEALQTVTKAANKLGVKVITVYAFSTENWTRPDQEVKF
IMNLPVEFYDNYVPELHANNVKIQMIGETDRLPKQTFEALTKAEELTKNNTGLILNFALNYGGRAEITQALKLISQDVLD
AKINPGDITEELIGNYLFTQHLPKDLRDPDLIIRTSGELRLSNFLPWQGAYSELYFTDTLWPDFDEAALQEAILAYNRRH
RRFGGV
;
_entity_poly.pdbx_strand_id   A,B
#
loop_
_chem_comp.id
_chem_comp.type
_chem_comp.name
_chem_comp.formula
2ZW non-polymer 3-(2-chlorophenyl)-5-methyl-N-[4-(propan-2-yl)phenyl]-1,2-oxazole-4-carboxamide 'C20 H19 Cl N2 O2'
CD non-polymer 'CADMIUM ION' 'Cd 2'
FPP non-polymer 'FARNESYL DIPHOSPHATE' 'C15 H28 O7 P2'
#
# COMPACT_ATOMS: atom_id res chain seq x y z
N THR A 11 -9.26 24.57 6.47
CA THR A 11 -8.95 23.41 5.65
C THR A 11 -7.65 22.74 6.10
N GLN A 12 -7.65 21.41 6.10
CA GLN A 12 -6.59 20.55 6.60
C GLN A 12 -5.30 20.57 5.78
N VAL A 13 -4.18 20.61 6.48
CA VAL A 13 -2.88 20.56 5.84
C VAL A 13 -2.39 19.15 6.15
N PRO A 14 -2.13 18.27 5.16
CA PRO A 14 -1.61 16.93 5.53
C PRO A 14 -0.35 17.04 6.38
N ALA A 15 -0.31 16.34 7.53
CA ALA A 15 0.85 16.39 8.42
C ALA A 15 2.07 15.72 7.77
N HIS A 16 1.88 14.60 7.10
CA HIS A 16 2.99 13.86 6.49
C HIS A 16 2.64 13.53 5.06
N ILE A 17 3.49 13.98 4.13
CA ILE A 17 3.30 13.70 2.70
C ILE A 17 4.42 12.79 2.21
N GLY A 18 4.05 11.70 1.56
CA GLY A 18 4.98 10.79 0.91
C GLY A 18 5.04 11.21 -0.55
N ILE A 19 6.25 11.26 -1.14
CA ILE A 19 6.38 11.67 -2.55
C ILE A 19 7.21 10.67 -3.33
N ILE A 20 6.61 10.12 -4.39
CA ILE A 20 7.30 9.24 -5.34
C ILE A 20 7.58 10.16 -6.54
N MET A 21 8.84 10.59 -6.66
CA MET A 21 9.27 11.48 -7.73
C MET A 21 9.44 10.65 -8.98
N ASP A 22 8.77 11.05 -10.06
CA ASP A 22 8.86 10.30 -11.31
C ASP A 22 8.78 11.22 -12.50
N GLY A 23 9.39 10.80 -13.61
CA GLY A 23 9.35 11.56 -14.87
C GLY A 23 10.55 12.44 -15.15
N ASN A 24 11.66 12.27 -14.40
CA ASN A 24 12.88 13.05 -14.59
C ASN A 24 13.49 12.81 -15.98
N GLY A 25 13.49 11.56 -16.44
CA GLY A 25 14.03 11.18 -17.74
C GLY A 25 13.21 11.72 -18.89
N ARG A 26 11.87 11.58 -18.82
CA ARG A 26 10.96 12.11 -19.84
C ARG A 26 11.04 13.62 -19.89
N TRP A 27 11.17 14.27 -18.71
CA TRP A 27 11.30 15.73 -18.61
C TRP A 27 12.54 16.21 -19.37
N ALA A 28 13.69 15.55 -19.10
CA ALA A 28 14.99 15.87 -19.73
C ALA A 28 14.97 15.61 -21.25
N LYS A 29 14.37 14.47 -21.69
CA LYS A 29 14.27 14.08 -23.10
C LYS A 29 13.49 15.13 -23.94
N LYS A 30 12.41 15.71 -23.37
CA LYS A 30 11.61 16.77 -24.01
C LYS A 30 12.48 17.99 -24.32
N ARG A 31 13.58 18.16 -23.57
CA ARG A 31 14.54 19.26 -23.69
C ARG A 31 15.84 18.81 -24.41
N MET A 32 15.83 17.59 -25.00
CA MET A 32 16.95 16.96 -25.71
C MET A 32 18.19 16.80 -24.80
N GLN A 33 17.94 16.43 -23.54
CA GLN A 33 18.96 16.28 -22.52
C GLN A 33 18.99 14.86 -21.94
N PRO A 34 20.15 14.36 -21.44
CA PRO A 34 20.15 13.02 -20.83
C PRO A 34 19.39 13.03 -19.50
N ARG A 35 18.98 11.86 -19.03
CA ARG A 35 18.22 11.65 -17.79
C ARG A 35 18.80 12.40 -16.56
N VAL A 36 20.15 12.41 -16.43
CA VAL A 36 20.88 13.05 -15.31
C VAL A 36 20.58 14.57 -15.20
N PHE A 37 20.32 15.23 -16.33
CA PHE A 37 19.92 16.64 -16.36
C PHE A 37 18.55 16.79 -15.62
N GLY A 38 17.67 15.79 -15.81
CA GLY A 38 16.38 15.74 -15.15
C GLY A 38 16.50 15.51 -13.66
N HIS A 39 17.52 14.72 -13.24
CA HIS A 39 17.72 14.44 -11.80
C HIS A 39 18.15 15.71 -11.05
N LYS A 40 18.99 16.55 -11.69
CA LYS A 40 19.41 17.82 -11.11
C LYS A 40 18.22 18.77 -11.01
N ALA A 41 17.36 18.83 -12.05
CA ALA A 41 16.15 19.66 -11.99
C ALA A 41 15.18 19.11 -10.94
N GLY A 42 15.23 17.79 -10.70
CA GLY A 42 14.45 17.12 -9.66
C GLY A 42 14.82 17.63 -8.26
N MET A 43 16.10 17.97 -8.03
CA MET A 43 16.59 18.52 -6.75
C MET A 43 16.03 19.92 -6.54
N GLU A 44 15.97 20.72 -7.62
CA GLU A 44 15.42 22.08 -7.59
C GLU A 44 13.96 22.02 -7.22
N ALA A 45 13.22 21.09 -7.85
CA ALA A 45 11.80 20.89 -7.58
C ALA A 45 11.61 20.49 -6.10
N LEU A 46 12.46 19.57 -5.58
CA LEU A 46 12.34 19.13 -4.18
C LEU A 46 12.58 20.31 -3.21
N GLN A 47 13.57 21.17 -3.49
CA GLN A 47 13.86 22.36 -2.67
C GLN A 47 12.65 23.30 -2.62
N THR A 48 12.06 23.59 -3.80
CA THR A 48 10.87 24.44 -3.91
C THR A 48 9.71 23.86 -3.11
N VAL A 49 9.41 22.56 -3.30
CA VAL A 49 8.30 21.88 -2.61
C VAL A 49 8.50 21.87 -1.09
N THR A 50 9.72 21.56 -0.63
CA THR A 50 10.07 21.49 0.80
C THR A 50 9.87 22.83 1.50
N LYS A 51 10.41 23.91 0.93
CA LYS A 51 10.28 25.25 1.50
C LYS A 51 8.81 25.68 1.56
N ALA A 52 8.05 25.41 0.48
CA ALA A 52 6.62 25.79 0.45
C ALA A 52 5.81 24.96 1.45
N ALA A 53 6.01 23.63 1.50
CA ALA A 53 5.31 22.75 2.44
C ALA A 53 5.61 23.16 3.89
N ASN A 54 6.88 23.51 4.18
CA ASN A 54 7.28 23.96 5.52
C ASN A 54 6.48 25.21 5.94
N LYS A 55 6.34 26.18 5.02
CA LYS A 55 5.58 27.41 5.26
C LYS A 55 4.09 27.12 5.43
N LEU A 56 3.57 26.12 4.73
CA LEU A 56 2.15 25.74 4.81
C LEU A 56 1.80 24.97 6.11
N GLY A 57 2.79 24.47 6.84
CA GLY A 57 2.53 23.72 8.06
C GLY A 57 2.62 22.21 7.92
N VAL A 58 3.11 21.68 6.78
CA VAL A 58 3.32 20.25 6.59
C VAL A 58 4.47 19.86 7.55
N LYS A 59 4.31 18.78 8.30
CA LYS A 59 5.28 18.37 9.32
C LYS A 59 6.36 17.43 8.81
N VAL A 60 6.05 16.57 7.84
CA VAL A 60 7.00 15.60 7.29
C VAL A 60 6.79 15.45 5.80
N ILE A 61 7.89 15.36 5.05
CA ILE A 61 7.89 14.94 3.66
C ILE A 61 8.80 13.73 3.59
N THR A 62 8.29 12.55 3.17
CA THR A 62 9.15 11.40 2.95
C THR A 62 9.26 11.26 1.45
N VAL A 63 10.47 11.34 0.92
CA VAL A 63 10.71 11.25 -0.52
C VAL A 63 11.38 9.94 -0.86
N TYR A 64 10.90 9.28 -1.92
CA TYR A 64 11.47 8.01 -2.37
C TYR A 64 12.72 8.32 -3.22
N ALA A 65 13.82 8.74 -2.58
CA ALA A 65 15.05 9.16 -3.26
C ALA A 65 15.79 8.04 -3.98
N PHE A 66 15.89 6.84 -3.38
CA PHE A 66 16.60 5.75 -4.05
C PHE A 66 16.10 4.41 -3.56
N SER A 67 15.43 3.68 -4.44
CA SER A 67 14.90 2.36 -4.14
C SER A 67 15.99 1.31 -4.33
N THR A 68 15.80 0.14 -3.72
CA THR A 68 16.74 -0.96 -3.93
C THR A 68 16.75 -1.40 -5.42
N GLU A 69 15.64 -1.17 -6.16
CA GLU A 69 15.58 -1.46 -7.60
C GLU A 69 16.40 -0.48 -8.45
N ASN A 70 16.61 0.76 -7.94
CA ASN A 70 17.35 1.80 -8.69
C ASN A 70 18.83 1.45 -8.92
N TRP A 71 19.38 0.47 -8.16
CA TRP A 71 20.76 -0.03 -8.35
C TRP A 71 20.91 -0.76 -9.71
N THR A 72 19.80 -1.12 -10.37
CA THR A 72 19.87 -1.82 -11.67
C THR A 72 20.03 -0.84 -12.84
N ARG A 73 19.99 0.48 -12.56
CA ARG A 73 20.15 1.52 -13.60
C ARG A 73 21.59 1.48 -14.14
N PRO A 74 21.92 2.06 -15.33
CA PRO A 74 23.31 2.02 -15.79
C PRO A 74 24.28 2.58 -14.75
N ASP A 75 25.48 1.97 -14.62
CA ASP A 75 26.52 2.35 -13.65
C ASP A 75 26.82 3.84 -13.65
N GLN A 76 26.96 4.47 -14.84
CA GLN A 76 27.27 5.90 -14.92
C GLN A 76 26.14 6.72 -14.29
N GLU A 77 24.87 6.33 -14.51
CA GLU A 77 23.74 7.06 -13.91
C GLU A 77 23.71 6.89 -12.38
N VAL A 78 23.91 5.65 -11.88
CA VAL A 78 23.94 5.38 -10.43
C VAL A 78 25.07 6.22 -9.78
N LYS A 79 26.26 6.23 -10.40
CA LYS A 79 27.40 7.01 -9.91
C LYS A 79 27.08 8.50 -9.86
N PHE A 80 26.43 9.03 -10.92
CA PHE A 80 26.04 10.45 -10.97
C PHE A 80 25.07 10.76 -9.81
N ILE A 81 24.04 9.92 -9.65
CA ILE A 81 23.02 10.10 -8.61
C ILE A 81 23.62 10.15 -7.21
N MET A 82 24.49 9.16 -6.88
CA MET A 82 25.14 9.05 -5.56
C MET A 82 25.98 10.28 -5.24
N ASN A 83 26.54 10.93 -6.29
CA ASN A 83 27.36 12.12 -6.13
C ASN A 83 26.58 13.40 -5.93
N LEU A 84 25.28 13.41 -6.26
CA LEU A 84 24.46 14.65 -6.16
C LEU A 84 24.49 15.30 -4.79
N PRO A 85 24.23 14.60 -3.66
CA PRO A 85 24.26 15.30 -2.36
C PRO A 85 25.66 15.69 -1.91
N VAL A 86 26.68 15.02 -2.50
CA VAL A 86 28.08 15.32 -2.18
C VAL A 86 28.47 16.65 -2.82
N GLU A 87 28.30 16.77 -4.13
CA GLU A 87 28.73 17.99 -4.83
C GLU A 87 27.78 19.20 -4.69
N PHE A 88 26.47 18.97 -4.52
CA PHE A 88 25.53 20.09 -4.43
C PHE A 88 25.02 20.43 -3.03
N TYR A 89 25.69 19.91 -1.99
CA TYR A 89 25.32 20.13 -0.58
C TYR A 89 25.13 21.64 -0.29
N ASP A 90 26.10 22.49 -0.72
CA ASP A 90 26.07 23.96 -0.49
C ASP A 90 24.94 24.68 -1.20
N ASN A 91 24.39 24.08 -2.26
CA ASN A 91 23.31 24.70 -3.03
C ASN A 91 21.98 24.54 -2.34
N TYR A 92 21.85 23.58 -1.42
CA TYR A 92 20.55 23.31 -0.82
C TYR A 92 20.50 23.23 0.69
N VAL A 93 21.45 22.54 1.33
CA VAL A 93 21.42 22.26 2.77
C VAL A 93 21.50 23.55 3.62
N PRO A 94 22.45 24.52 3.42
CA PRO A 94 22.41 25.75 4.24
C PRO A 94 21.07 26.49 4.16
N GLU A 95 20.43 26.54 2.98
CA GLU A 95 19.11 27.17 2.85
C GLU A 95 18.01 26.41 3.62
N LEU A 96 17.98 25.09 3.53
CA LEU A 96 16.99 24.30 4.29
C LEU A 96 17.18 24.52 5.77
N HIS A 97 18.44 24.57 6.23
CA HIS A 97 18.76 24.86 7.63
C HIS A 97 18.28 26.26 8.05
N ALA A 98 18.47 27.28 7.18
CA ALA A 98 18.00 28.65 7.46
C ALA A 98 16.45 28.68 7.52
N ASN A 99 15.79 27.73 6.86
CA ASN A 99 14.34 27.60 6.83
C ASN A 99 13.80 26.72 7.95
N ASN A 100 14.69 26.26 8.88
CA ASN A 100 14.33 25.45 10.03
C ASN A 100 13.80 24.07 9.64
N VAL A 101 14.31 23.51 8.54
CA VAL A 101 13.94 22.18 8.05
C VAL A 101 14.91 21.17 8.65
N LYS A 102 14.40 20.06 9.19
CA LYS A 102 15.21 19.00 9.77
C LYS A 102 15.39 17.90 8.70
N ILE A 103 16.63 17.51 8.44
CA ILE A 103 16.89 16.48 7.43
C ILE A 103 17.11 15.14 8.10
N GLN A 104 16.45 14.07 7.60
CA GLN A 104 16.64 12.72 8.10
C GLN A 104 16.65 11.73 6.96
N MET A 105 16.99 10.47 7.24
CA MET A 105 16.96 9.44 6.20
C MET A 105 16.46 8.11 6.74
N ILE A 106 15.89 7.27 5.85
CA ILE A 106 15.41 5.93 6.20
C ILE A 106 15.89 4.96 5.13
N GLY A 107 16.11 3.70 5.52
CA GLY A 107 16.55 2.65 4.60
C GLY A 107 17.82 1.98 5.10
N GLU A 108 18.42 1.09 4.29
CA GLU A 108 19.69 0.45 4.73
C GLU A 108 20.82 1.34 4.26
N THR A 109 20.97 2.48 4.95
CA THR A 109 21.91 3.54 4.60
C THR A 109 23.38 3.19 4.86
N ASP A 110 23.65 2.17 5.72
CA ASP A 110 25.04 1.74 5.97
C ASP A 110 25.68 1.15 4.71
N ARG A 111 24.87 0.85 3.68
CA ARG A 111 25.38 0.35 2.41
C ARG A 111 25.43 1.42 1.28
N LEU A 112 25.27 2.73 1.63
CA LEU A 112 25.41 3.81 0.64
C LEU A 112 26.92 4.06 0.45
N PRO A 113 27.41 4.60 -0.72
CA PRO A 113 28.86 4.92 -0.81
C PRO A 113 29.20 5.90 0.31
N LYS A 114 30.40 5.74 0.89
CA LYS A 114 30.89 6.52 2.04
C LYS A 114 30.66 8.03 1.91
N GLN A 115 31.06 8.66 0.78
CA GLN A 115 30.88 10.12 0.60
C GLN A 115 29.40 10.54 0.57
N THR A 116 28.54 9.69 0.01
CA THR A 116 27.10 9.95 -0.03
C THR A 116 26.54 9.88 1.40
N PHE A 117 26.91 8.83 2.14
CA PHE A 117 26.49 8.62 3.52
C PHE A 117 26.97 9.80 4.38
N GLU A 118 28.23 10.26 4.17
CA GLU A 118 28.80 11.40 4.93
C GLU A 118 28.10 12.73 4.65
N ALA A 119 27.75 13.00 3.39
CA ALA A 119 27.01 14.22 3.02
C ALA A 119 25.63 14.21 3.71
N LEU A 120 24.93 13.06 3.69
CA LEU A 120 23.63 12.96 4.36
C LEU A 120 23.76 13.13 5.87
N THR A 121 24.75 12.44 6.51
CA THR A 121 24.98 12.51 7.96
C THR A 121 25.36 13.94 8.40
N LYS A 122 26.12 14.65 7.56
CA LYS A 122 26.53 16.03 7.84
C LYS A 122 25.29 16.93 7.86
N ALA A 123 24.35 16.73 6.90
CA ALA A 123 23.11 17.51 6.84
C ALA A 123 22.22 17.18 8.03
N GLU A 124 22.18 15.90 8.44
CA GLU A 124 21.41 15.46 9.62
C GLU A 124 21.93 16.12 10.89
N GLU A 125 23.26 16.10 11.10
CA GLU A 125 23.91 16.68 12.27
C GLU A 125 23.72 18.18 12.33
N LEU A 126 23.82 18.87 11.17
CA LEU A 126 23.61 20.30 11.09
C LEU A 126 22.15 20.68 11.53
N THR A 127 21.17 19.97 11.01
CA THR A 127 19.73 20.29 11.19
C THR A 127 19.01 19.51 12.30
N LYS A 128 19.74 18.74 13.12
CA LYS A 128 19.09 17.85 14.10
C LYS A 128 18.22 18.56 15.15
N ASN A 129 18.49 19.84 15.46
CA ASN A 129 17.70 20.57 16.47
C ASN A 129 16.55 21.36 15.86
N ASN A 130 16.45 21.36 14.53
CA ASN A 130 15.43 22.11 13.79
C ASN A 130 14.03 21.59 14.09
N THR A 131 13.07 22.50 14.22
CA THR A 131 11.71 22.17 14.65
C THR A 131 10.66 22.31 13.57
N GLY A 132 11.06 22.63 12.35
CA GLY A 132 10.12 22.76 11.25
C GLY A 132 9.91 21.43 10.57
N LEU A 133 9.53 21.49 9.29
CA LEU A 133 9.27 20.28 8.48
C LEU A 133 10.46 19.33 8.50
N ILE A 134 10.18 18.03 8.60
CA ILE A 134 11.21 17.00 8.52
C ILE A 134 11.25 16.49 7.07
N LEU A 135 12.38 16.71 6.37
CA LEU A 135 12.56 16.18 5.02
C LEU A 135 13.28 14.84 5.20
N ASN A 136 12.54 13.76 4.93
CA ASN A 136 12.96 12.39 5.18
C ASN A 136 13.27 11.66 3.88
N PHE A 137 14.57 11.41 3.63
CA PHE A 137 15.00 10.74 2.40
C PHE A 137 14.96 9.22 2.55
N ALA A 138 14.14 8.53 1.73
CA ALA A 138 14.12 7.05 1.77
C ALA A 138 15.21 6.62 0.79
N LEU A 139 16.32 6.05 1.32
CA LEU A 139 17.55 5.72 0.54
C LEU A 139 17.95 4.28 0.75
N ASN A 140 18.19 3.52 -0.37
CA ASN A 140 18.43 2.08 -0.28
C ASN A 140 17.23 1.50 0.47
N TYR A 141 16.02 1.96 0.07
CA TYR A 141 14.79 1.61 0.75
C TYR A 141 13.85 0.73 -0.11
N GLY A 142 13.24 -0.24 0.55
CA GLY A 142 12.15 -1.07 0.03
C GLY A 142 11.24 -1.41 1.19
N GLY A 143 9.93 -1.28 1.01
CA GLY A 143 8.96 -1.55 2.08
C GLY A 143 9.00 -2.96 2.61
N ARG A 144 8.98 -3.98 1.75
CA ARG A 144 9.04 -5.37 2.22
C ARG A 144 10.34 -5.67 3.01
N ALA A 145 11.47 -5.10 2.58
CA ALA A 145 12.78 -5.26 3.24
C ALA A 145 12.75 -4.56 4.60
N GLU A 146 12.11 -3.38 4.68
CA GLU A 146 11.97 -2.65 5.94
C GLU A 146 11.17 -3.49 6.96
N ILE A 147 10.06 -4.10 6.51
CA ILE A 147 9.22 -4.95 7.37
C ILE A 147 9.99 -6.20 7.81
N THR A 148 10.74 -6.81 6.87
CA THR A 148 11.55 -7.99 7.14
C THR A 148 12.61 -7.69 8.24
N GLN A 149 13.34 -6.58 8.11
CA GLN A 149 14.35 -6.22 9.12
C GLN A 149 13.69 -5.96 10.50
N ALA A 150 12.44 -5.41 10.54
CA ALA A 150 11.69 -5.20 11.80
C ALA A 150 11.31 -6.53 12.43
N LEU A 151 10.71 -7.45 11.64
CA LEU A 151 10.25 -8.77 12.13
C LEU A 151 11.41 -9.63 12.63
N LYS A 152 12.58 -9.50 11.99
CA LYS A 152 13.82 -10.18 12.33
C LYS A 152 14.38 -9.67 13.68
N LEU A 153 14.50 -8.32 13.84
CA LEU A 153 14.98 -7.66 15.06
C LEU A 153 14.07 -7.97 16.26
N ILE A 154 12.73 -8.04 16.02
CA ILE A 154 11.75 -8.37 17.08
C ILE A 154 11.94 -9.83 17.57
N SER A 155 12.01 -10.81 16.63
CA SER A 155 12.22 -12.22 16.97
C SER A 155 13.50 -12.43 17.79
N GLN A 156 14.58 -11.73 17.41
CA GLN A 156 15.87 -11.75 18.12
C GLN A 156 15.68 -11.23 19.56
N ASP A 157 14.90 -10.13 19.72
CA ASP A 157 14.60 -9.54 21.05
C ASP A 157 13.75 -10.47 21.91
N VAL A 158 12.82 -11.22 21.27
CA VAL A 158 11.98 -12.19 21.98
C VAL A 158 12.85 -13.35 22.47
N LEU A 159 13.76 -13.83 21.60
CA LEU A 159 14.69 -14.92 21.86
C LEU A 159 15.68 -14.56 22.98
N ASP A 160 16.15 -13.29 23.02
CA ASP A 160 17.05 -12.75 24.03
C ASP A 160 16.32 -12.35 25.33
N ALA A 161 14.98 -12.49 25.36
CA ALA A 161 14.08 -12.14 26.46
C ALA A 161 14.09 -10.64 26.81
N LYS A 162 14.41 -9.78 25.83
CA LYS A 162 14.37 -8.32 25.99
C LYS A 162 12.90 -7.89 26.00
N ILE A 163 12.06 -8.65 25.29
CA ILE A 163 10.61 -8.51 25.17
C ILE A 163 10.05 -9.92 25.14
N ASN A 164 8.76 -10.07 25.44
CA ASN A 164 8.13 -11.38 25.44
C ASN A 164 7.14 -11.51 24.26
N PRO A 165 6.73 -12.74 23.80
CA PRO A 165 5.82 -12.84 22.64
C PRO A 165 4.47 -12.12 22.76
N GLY A 166 4.03 -11.87 24.02
CA GLY A 166 2.81 -11.15 24.32
C GLY A 166 2.86 -9.68 23.92
N ASP A 167 4.11 -9.13 23.79
CA ASP A 167 4.38 -7.76 23.40
C ASP A 167 4.26 -7.53 21.90
N ILE A 168 4.14 -8.60 21.08
CA ILE A 168 4.08 -8.47 19.62
C ILE A 168 2.72 -7.92 19.20
N THR A 169 2.70 -6.64 18.82
CA THR A 169 1.50 -5.95 18.40
C THR A 169 1.84 -5.13 17.15
N GLU A 170 0.82 -4.49 16.54
CA GLU A 170 1.02 -3.58 15.40
C GLU A 170 1.81 -2.37 15.87
N GLU A 171 1.53 -1.89 17.09
CA GLU A 171 2.24 -0.73 17.64
C GLU A 171 3.72 -1.05 17.86
N LEU A 172 4.06 -2.27 18.31
CA LEU A 172 5.47 -2.68 18.49
C LEU A 172 6.18 -2.75 17.12
N ILE A 173 5.55 -3.33 16.11
CA ILE A 173 6.16 -3.37 14.77
C ILE A 173 6.51 -1.95 14.27
N GLY A 174 5.62 -0.98 14.48
CA GLY A 174 5.86 0.41 14.11
C GLY A 174 7.12 1.01 14.70
N ASN A 175 7.47 0.61 15.96
CA ASN A 175 8.67 1.05 16.69
C ASN A 175 9.96 0.41 16.17
N TYR A 176 9.86 -0.62 15.30
CA TYR A 176 11.02 -1.29 14.72
C TYR A 176 11.21 -0.98 13.24
N LEU A 177 10.26 -0.26 12.64
CA LEU A 177 10.40 0.15 11.24
C LEU A 177 11.40 1.32 11.17
N PHE A 178 11.93 1.64 9.98
CA PHE A 178 12.89 2.74 9.80
C PHE A 178 12.28 4.09 10.21
N THR A 179 10.94 4.22 10.11
CA THR A 179 10.20 5.45 10.45
C THR A 179 10.10 5.67 11.95
N GLN A 180 10.68 4.74 12.78
CA GLN A 180 10.65 4.86 14.24
C GLN A 180 11.28 6.18 14.71
N HIS A 181 12.19 6.78 13.91
CA HIS A 181 12.81 8.03 14.33
C HIS A 181 11.93 9.26 14.11
N LEU A 182 10.79 9.13 13.42
CA LEU A 182 9.87 10.26 13.29
C LEU A 182 9.04 10.35 14.57
N PRO A 183 8.50 11.53 14.97
CA PRO A 183 7.61 11.57 16.15
C PRO A 183 6.44 10.58 15.93
N LYS A 184 6.02 9.88 16.99
CA LYS A 184 4.97 8.83 16.94
C LYS A 184 3.72 9.21 16.18
N ASP A 185 3.25 10.45 16.34
CA ASP A 185 2.02 10.89 15.65
C ASP A 185 2.24 11.30 14.18
N LEU A 186 3.48 11.20 13.67
CA LEU A 186 3.81 11.62 12.32
C LEU A 186 4.42 10.53 11.45
N ARG A 187 4.45 9.29 11.94
CA ARG A 187 5.08 8.18 11.23
C ARG A 187 4.38 7.77 9.95
N ASP A 188 3.06 7.97 9.90
CA ASP A 188 2.25 7.54 8.76
C ASP A 188 1.91 8.68 7.81
N PRO A 189 2.19 8.57 6.48
CA PRO A 189 1.76 9.64 5.57
C PRO A 189 0.23 9.78 5.51
N ASP A 190 -0.26 11.00 5.51
CA ASP A 190 -1.69 11.31 5.33
C ASP A 190 -2.00 11.29 3.84
N LEU A 191 -1.00 11.64 3.03
CA LEU A 191 -1.12 11.74 1.59
C LEU A 191 0.13 11.21 0.92
N ILE A 192 -0.03 10.42 -0.14
CA ILE A 192 1.08 9.95 -0.96
C ILE A 192 0.85 10.48 -2.38
N ILE A 193 1.86 11.17 -2.91
CA ILE A 193 1.84 11.75 -4.26
C ILE A 193 2.76 10.95 -5.18
N ARG A 194 2.24 10.59 -6.36
CA ARG A 194 3.08 10.01 -7.38
C ARG A 194 2.93 10.85 -8.65
N THR A 195 4.04 11.32 -9.20
CA THR A 195 4.04 12.13 -10.42
C THR A 195 4.18 11.28 -11.68
N SER A 196 4.08 11.92 -12.86
CA SER A 196 4.20 11.35 -14.21
C SER A 196 3.14 10.30 -14.60
N GLY A 197 1.97 10.32 -13.96
CA GLY A 197 0.85 9.46 -14.32
C GLY A 197 0.97 7.96 -14.10
N GLU A 198 1.95 7.52 -13.30
CA GLU A 198 2.12 6.08 -13.00
C GLU A 198 1.15 5.71 -11.90
N LEU A 199 0.21 4.80 -12.21
CA LEU A 199 -0.80 4.37 -11.25
C LEU A 199 -0.41 3.08 -10.58
N ARG A 200 0.64 3.16 -9.84
CA ARG A 200 1.16 2.00 -9.19
C ARG A 200 1.90 2.30 -7.95
N LEU A 201 1.89 1.28 -7.14
CA LEU A 201 2.58 1.14 -5.91
C LEU A 201 3.94 0.57 -6.34
N SER A 202 5.00 1.05 -5.72
CA SER A 202 6.37 0.59 -5.96
C SER A 202 7.05 0.32 -4.63
N ASN A 203 6.36 -0.38 -3.69
CA ASN A 203 6.94 -0.83 -2.43
C ASN A 203 7.39 0.35 -1.55
N PHE A 204 6.66 1.45 -1.60
CA PHE A 204 6.97 2.66 -0.82
C PHE A 204 6.06 2.75 0.40
N LEU A 205 6.62 2.65 1.61
CA LEU A 205 5.88 2.72 2.90
C LEU A 205 4.58 1.88 2.92
N PRO A 206 4.62 0.59 2.53
CA PRO A 206 3.38 -0.20 2.50
C PRO A 206 2.69 -0.32 3.88
N TRP A 207 3.46 -0.42 4.97
CA TRP A 207 2.87 -0.46 6.31
C TRP A 207 2.35 0.92 6.72
N GLN A 208 3.23 1.93 6.69
CA GLN A 208 2.93 3.28 7.18
C GLN A 208 1.84 3.95 6.36
N GLY A 209 1.85 3.69 5.05
CA GLY A 209 0.90 4.27 4.11
C GLY A 209 -0.38 3.49 3.90
N ALA A 210 -0.62 2.45 4.71
CA ALA A 210 -1.78 1.57 4.57
C ALA A 210 -3.14 2.32 4.52
N TYR A 211 -3.27 3.46 5.24
CA TYR A 211 -4.53 4.23 5.26
C TYR A 211 -4.41 5.60 4.57
N SER A 212 -3.33 5.82 3.81
CA SER A 212 -3.07 7.12 3.18
C SER A 212 -4.02 7.47 2.05
N GLU A 213 -4.32 8.77 1.89
CA GLU A 213 -5.01 9.25 0.69
C GLU A 213 -3.93 9.20 -0.42
N LEU A 214 -4.31 8.85 -1.65
CA LEU A 214 -3.39 8.78 -2.77
C LEU A 214 -3.70 9.89 -3.75
N TYR A 215 -2.66 10.45 -4.38
CA TYR A 215 -2.84 11.51 -5.36
C TYR A 215 -1.90 11.26 -6.52
N PHE A 216 -2.45 11.19 -7.72
CA PHE A 216 -1.67 10.95 -8.93
C PHE A 216 -1.80 12.13 -9.85
N THR A 217 -0.69 12.55 -10.44
CA THR A 217 -0.68 13.65 -11.40
C THR A 217 0.17 13.26 -12.60
N ASP A 218 -0.21 13.73 -13.80
CA ASP A 218 0.55 13.54 -15.03
C ASP A 218 1.78 14.45 -15.05
N THR A 219 1.80 15.48 -14.21
CA THR A 219 2.92 16.42 -14.11
C THR A 219 4.23 15.64 -13.83
N LEU A 220 5.28 15.93 -14.62
CA LEU A 220 6.59 15.31 -14.44
C LEU A 220 7.23 15.96 -13.20
N TRP A 221 7.96 15.18 -12.37
CA TRP A 221 8.54 15.68 -11.12
C TRP A 221 9.30 17.02 -11.23
N PRO A 222 10.23 17.26 -12.21
CA PRO A 222 10.90 18.57 -12.24
C PRO A 222 9.97 19.78 -12.42
N ASP A 223 8.74 19.54 -12.91
CA ASP A 223 7.72 20.57 -13.10
C ASP A 223 6.80 20.70 -11.87
N PHE A 224 6.95 19.81 -10.89
CA PHE A 224 6.11 19.85 -9.68
C PHE A 224 6.62 20.98 -8.79
N ASP A 225 5.83 22.05 -8.66
CA ASP A 225 6.22 23.24 -7.91
C ASP A 225 5.23 23.57 -6.79
N GLU A 226 5.26 24.82 -6.25
CA GLU A 226 4.34 25.22 -5.18
C GLU A 226 2.88 25.15 -5.60
N ALA A 227 2.55 25.62 -6.82
CA ALA A 227 1.19 25.57 -7.33
C ALA A 227 0.70 24.12 -7.43
N ALA A 228 1.58 23.19 -7.87
CA ALA A 228 1.24 21.77 -7.99
C ALA A 228 1.02 21.16 -6.58
N LEU A 229 1.82 21.59 -5.59
CA LEU A 229 1.66 21.13 -4.19
C LEU A 229 0.32 21.64 -3.63
N GLN A 230 -0.01 22.91 -3.90
CA GLN A 230 -1.30 23.51 -3.47
C GLN A 230 -2.48 22.76 -4.08
N GLU A 231 -2.38 22.36 -5.36
CA GLU A 231 -3.44 21.59 -6.00
C GLU A 231 -3.59 20.20 -5.36
N ALA A 232 -2.47 19.54 -4.94
CA ALA A 232 -2.52 18.24 -4.27
C ALA A 232 -3.20 18.38 -2.91
N ILE A 233 -2.91 19.46 -2.18
CA ILE A 233 -3.49 19.74 -0.85
C ILE A 233 -5.00 20.05 -0.99
N LEU A 234 -5.37 20.80 -2.05
CA LEU A 234 -6.77 21.13 -2.35
C LEU A 234 -7.55 19.83 -2.63
N ALA A 235 -6.99 18.94 -3.49
CA ALA A 235 -7.60 17.64 -3.80
C ALA A 235 -7.74 16.79 -2.53
N TYR A 236 -6.71 16.82 -1.66
CA TYR A 236 -6.72 16.12 -0.35
C TYR A 236 -7.88 16.60 0.54
N ASN A 237 -8.14 17.93 0.53
CA ASN A 237 -9.21 18.54 1.33
C ASN A 237 -10.61 18.25 0.83
N ARG A 238 -10.75 17.83 -0.44
CA ARG A 238 -12.04 17.45 -1.00
C ARG A 238 -12.33 15.95 -0.74
N ARG A 239 -11.33 15.21 -0.18
CA ARG A 239 -11.44 13.77 0.17
C ARG A 239 -12.21 13.59 1.49
N HIS A 240 -12.90 12.44 1.63
CA HIS A 240 -13.67 12.07 2.82
C HIS A 240 -13.33 10.63 3.24
N GLN B 12 -4.84 -12.47 -22.51
CA GLN B 12 -3.92 -11.66 -21.71
C GLN B 12 -4.72 -10.89 -20.65
N VAL B 13 -4.75 -11.45 -19.44
CA VAL B 13 -5.48 -10.86 -18.33
C VAL B 13 -4.61 -10.83 -17.08
N PRO B 14 -4.83 -9.87 -16.14
CA PRO B 14 -4.12 -9.98 -14.85
C PRO B 14 -4.55 -11.30 -14.16
N ALA B 15 -3.56 -12.10 -13.70
CA ALA B 15 -3.80 -13.39 -13.05
C ALA B 15 -4.56 -13.24 -11.72
N HIS B 16 -4.21 -12.21 -10.92
CA HIS B 16 -4.83 -11.99 -9.62
C HIS B 16 -5.30 -10.55 -9.55
N ILE B 17 -6.61 -10.37 -9.34
CA ILE B 17 -7.20 -9.04 -9.21
C ILE B 17 -7.71 -8.85 -7.79
N GLY B 18 -7.29 -7.76 -7.16
CA GLY B 18 -7.77 -7.35 -5.84
C GLY B 18 -8.90 -6.36 -6.08
N ILE B 19 -10.03 -6.49 -5.36
CA ILE B 19 -11.17 -5.58 -5.55
C ILE B 19 -11.63 -4.99 -4.23
N ILE B 20 -11.61 -3.66 -4.13
CA ILE B 20 -12.15 -2.92 -3.01
C ILE B 20 -13.51 -2.42 -3.51
N MET B 21 -14.57 -3.08 -3.05
CA MET B 21 -15.95 -2.75 -3.42
C MET B 21 -16.36 -1.53 -2.64
N ASP B 22 -16.82 -0.50 -3.34
CA ASP B 22 -17.24 0.73 -2.67
C ASP B 22 -18.37 1.40 -3.41
N GLY B 23 -19.19 2.16 -2.68
CA GLY B 23 -20.30 2.92 -3.25
C GLY B 23 -21.67 2.26 -3.14
N ASN B 24 -21.79 1.21 -2.32
CA ASN B 24 -23.08 0.52 -2.12
C ASN B 24 -24.14 1.45 -1.52
N GLY B 25 -23.75 2.26 -0.53
CA GLY B 25 -24.64 3.22 0.12
C GLY B 25 -25.12 4.31 -0.80
N ARG B 26 -24.19 4.93 -1.54
CA ARG B 26 -24.52 5.98 -2.53
C ARG B 26 -25.40 5.41 -3.62
N TRP B 27 -25.13 4.17 -4.06
CA TRP B 27 -25.92 3.49 -5.09
C TRP B 27 -27.37 3.35 -4.64
N ALA B 28 -27.57 2.85 -3.39
CA ALA B 28 -28.88 2.63 -2.77
C ALA B 28 -29.63 3.96 -2.56
N LYS B 29 -28.94 5.00 -2.06
CA LYS B 29 -29.50 6.34 -1.81
C LYS B 29 -30.07 6.99 -3.09
N LYS B 30 -29.39 6.81 -4.25
CA LYS B 30 -29.86 7.32 -5.56
C LYS B 30 -31.22 6.70 -5.92
N ARG B 31 -31.53 5.52 -5.35
CA ARG B 31 -32.77 4.77 -5.56
C ARG B 31 -33.74 4.92 -4.36
N MET B 32 -33.44 5.85 -3.43
CA MET B 32 -34.19 6.14 -2.20
C MET B 32 -34.34 4.89 -1.31
N GLN B 33 -33.24 4.13 -1.20
CA GLN B 33 -33.19 2.89 -0.44
C GLN B 33 -32.11 2.94 0.64
N PRO B 34 -32.24 2.19 1.76
CA PRO B 34 -31.16 2.20 2.76
C PRO B 34 -29.92 1.48 2.22
N ARG B 35 -28.75 1.74 2.84
CA ARG B 35 -27.45 1.17 2.49
C ARG B 35 -27.46 -0.36 2.27
N VAL B 36 -28.20 -1.10 3.13
CA VAL B 36 -28.31 -2.57 3.11
C VAL B 36 -28.86 -3.11 1.76
N PHE B 37 -29.74 -2.32 1.10
CA PHE B 37 -30.26 -2.65 -0.23
C PHE B 37 -29.10 -2.66 -1.23
N GLY B 38 -28.15 -1.74 -1.05
CA GLY B 38 -26.95 -1.65 -1.88
C GLY B 38 -26.01 -2.82 -1.66
N HIS B 39 -25.94 -3.34 -0.41
CA HIS B 39 -25.07 -4.48 -0.11
C HIS B 39 -25.56 -5.75 -0.81
N LYS B 40 -26.89 -5.93 -0.88
CA LYS B 40 -27.50 -7.07 -1.59
C LYS B 40 -27.22 -6.96 -3.10
N ALA B 41 -27.32 -5.74 -3.67
CA ALA B 41 -27.02 -5.53 -5.09
C ALA B 41 -25.51 -5.72 -5.33
N GLY B 42 -24.70 -5.45 -4.31
CA GLY B 42 -23.25 -5.67 -4.33
C GLY B 42 -22.90 -7.14 -4.52
N MET B 43 -23.71 -8.05 -3.95
CA MET B 43 -23.55 -9.51 -4.10
C MET B 43 -23.83 -9.93 -5.54
N GLU B 44 -24.86 -9.34 -6.16
CA GLU B 44 -25.22 -9.60 -7.56
C GLU B 44 -24.08 -9.18 -8.47
N ALA B 45 -23.52 -7.99 -8.21
CA ALA B 45 -22.38 -7.47 -8.99
C ALA B 45 -21.18 -8.40 -8.84
N LEU B 46 -20.88 -8.89 -7.60
CA LEU B 46 -19.77 -9.80 -7.39
C LEU B 46 -19.95 -11.12 -8.17
N GLN B 47 -21.18 -11.67 -8.19
CA GLN B 47 -21.50 -12.90 -8.93
C GLN B 47 -21.22 -12.71 -10.42
N THR B 48 -21.70 -11.60 -11.01
CA THR B 48 -21.50 -11.25 -12.41
C THR B 48 -20.00 -11.15 -12.72
N VAL B 49 -19.25 -10.37 -11.90
CA VAL B 49 -17.81 -10.16 -12.10
C VAL B 49 -17.02 -11.47 -12.01
N THR B 50 -17.31 -12.30 -11.00
CA THR B 50 -16.64 -13.58 -10.76
C THR B 50 -16.82 -14.55 -11.94
N LYS B 51 -18.06 -14.74 -12.40
CA LYS B 51 -18.35 -15.62 -13.54
C LYS B 51 -17.66 -15.14 -14.81
N ALA B 52 -17.67 -13.81 -15.07
CA ALA B 52 -17.02 -13.25 -16.26
C ALA B 52 -15.51 -13.37 -16.17
N ALA B 53 -14.92 -13.04 -14.99
CA ALA B 53 -13.47 -13.13 -14.77
C ALA B 53 -12.98 -14.58 -14.95
N ASN B 54 -13.78 -15.54 -14.46
CA ASN B 54 -13.46 -16.97 -14.59
C ASN B 54 -13.38 -17.39 -16.08
N LYS B 55 -14.36 -16.94 -16.88
CA LYS B 55 -14.42 -17.21 -18.32
C LYS B 55 -13.27 -16.53 -19.06
N LEU B 56 -12.85 -15.34 -18.61
CA LEU B 56 -11.75 -14.60 -19.21
C LEU B 56 -10.35 -15.18 -18.91
N GLY B 57 -10.24 -16.05 -17.91
CA GLY B 57 -8.94 -16.62 -17.56
C GLY B 57 -8.27 -15.99 -16.34
N VAL B 58 -8.99 -15.14 -15.59
CA VAL B 58 -8.45 -14.56 -14.35
C VAL B 58 -8.35 -15.75 -13.36
N LYS B 59 -7.21 -15.85 -12.66
CA LYS B 59 -6.98 -16.99 -11.74
C LYS B 59 -7.45 -16.77 -10.34
N VAL B 60 -7.37 -15.51 -9.85
CA VAL B 60 -7.74 -15.17 -8.46
C VAL B 60 -8.42 -13.83 -8.43
N ILE B 61 -9.49 -13.73 -7.64
CA ILE B 61 -10.11 -12.46 -7.30
C ILE B 61 -10.08 -12.40 -5.77
N THR B 62 -9.40 -11.39 -5.19
CA THR B 62 -9.46 -11.21 -3.74
C THR B 62 -10.34 -10.00 -3.53
N VAL B 63 -11.44 -10.19 -2.83
CA VAL B 63 -12.40 -9.12 -2.56
C VAL B 63 -12.34 -8.69 -1.12
N TYR B 64 -12.33 -7.37 -0.88
CA TYR B 64 -12.27 -6.82 0.47
C TYR B 64 -13.70 -6.84 1.05
N ALA B 65 -14.20 -8.04 1.40
CA ALA B 65 -15.58 -8.22 1.90
C ALA B 65 -15.88 -7.56 3.24
N PHE B 66 -14.94 -7.62 4.19
CA PHE B 66 -15.17 -6.98 5.50
C PHE B 66 -13.87 -6.65 6.15
N SER B 67 -13.59 -5.35 6.25
CA SER B 67 -12.39 -4.85 6.86
C SER B 67 -12.52 -4.73 8.37
N THR B 68 -11.38 -4.66 9.07
CA THR B 68 -11.34 -4.41 10.52
C THR B 68 -12.00 -3.04 10.83
N GLU B 69 -11.97 -2.08 9.88
CA GLU B 69 -12.65 -0.79 10.08
C GLU B 69 -14.17 -0.85 9.96
N ASN B 70 -14.71 -1.86 9.22
CA ASN B 70 -16.15 -2.02 8.99
C ASN B 70 -16.95 -2.35 10.27
N TRP B 71 -16.25 -2.81 11.35
CA TRP B 71 -16.89 -3.06 12.66
C TRP B 71 -17.33 -1.74 13.31
N THR B 72 -16.91 -0.56 12.78
CA THR B 72 -17.34 0.74 13.36
C THR B 72 -18.72 1.16 12.81
N ARG B 73 -19.29 0.39 11.88
CA ARG B 73 -20.59 0.69 11.29
C ARG B 73 -21.71 0.47 12.32
N PRO B 74 -22.94 1.05 12.14
CA PRO B 74 -24.00 0.78 13.12
C PRO B 74 -24.25 -0.73 13.31
N ASP B 75 -24.56 -1.15 14.56
CA ASP B 75 -24.82 -2.56 14.91
C ASP B 75 -25.79 -3.26 13.99
N GLN B 76 -26.92 -2.59 13.64
CA GLN B 76 -27.93 -3.18 12.75
C GLN B 76 -27.36 -3.47 11.37
N GLU B 77 -26.53 -2.57 10.85
CA GLU B 77 -25.90 -2.78 9.54
C GLU B 77 -24.88 -3.93 9.58
N VAL B 78 -24.03 -3.98 10.63
CA VAL B 78 -23.03 -5.06 10.81
C VAL B 78 -23.77 -6.41 10.87
N LYS B 79 -24.86 -6.47 11.65
CA LYS B 79 -25.69 -7.67 11.79
C LYS B 79 -26.29 -8.11 10.45
N PHE B 80 -26.81 -7.17 9.67
CA PHE B 80 -27.38 -7.45 8.34
C PHE B 80 -26.29 -8.03 7.41
N ILE B 81 -25.11 -7.39 7.38
CA ILE B 81 -23.99 -7.82 6.53
C ILE B 81 -23.55 -9.25 6.83
N MET B 82 -23.36 -9.56 8.11
CA MET B 82 -22.93 -10.88 8.58
C MET B 82 -23.94 -11.98 8.21
N ASN B 83 -25.23 -11.62 8.12
CA ASN B 83 -26.30 -12.54 7.77
C ASN B 83 -26.40 -12.82 6.26
N LEU B 84 -25.83 -11.97 5.41
CA LEU B 84 -25.94 -12.14 3.94
C LEU B 84 -25.51 -13.52 3.42
N PRO B 85 -24.31 -14.06 3.77
CA PRO B 85 -23.94 -15.39 3.23
C PRO B 85 -24.75 -16.52 3.83
N VAL B 86 -25.38 -16.27 4.99
CA VAL B 86 -26.22 -17.27 5.68
C VAL B 86 -27.53 -17.40 4.91
N GLU B 87 -28.21 -16.25 4.74
CA GLU B 87 -29.52 -16.14 4.11
C GLU B 87 -29.53 -16.43 2.59
N PHE B 88 -28.50 -15.98 1.87
CA PHE B 88 -28.48 -16.07 0.40
C PHE B 88 -27.51 -17.09 -0.20
N TYR B 89 -27.03 -18.04 0.61
CA TYR B 89 -26.10 -19.09 0.19
C TYR B 89 -26.57 -19.79 -1.11
N ASP B 90 -27.85 -20.24 -1.16
CA ASP B 90 -28.42 -20.93 -2.30
C ASP B 90 -28.55 -20.10 -3.57
N ASN B 91 -28.56 -18.77 -3.42
CA ASN B 91 -28.68 -17.88 -4.57
C ASN B 91 -27.38 -17.75 -5.33
N TYR B 92 -26.24 -18.06 -4.69
CA TYR B 92 -24.94 -17.84 -5.32
C TYR B 92 -23.97 -19.00 -5.33
N VAL B 93 -23.81 -19.68 -4.20
CA VAL B 93 -22.79 -20.72 -4.03
C VAL B 93 -23.01 -21.92 -5.01
N PRO B 94 -24.21 -22.56 -5.13
CA PRO B 94 -24.33 -23.67 -6.11
C PRO B 94 -23.95 -23.24 -7.54
N GLU B 95 -24.30 -22.01 -7.96
CA GLU B 95 -23.94 -21.52 -9.30
C GLU B 95 -22.41 -21.35 -9.45
N LEU B 96 -21.74 -20.79 -8.44
CA LEU B 96 -20.27 -20.63 -8.52
C LEU B 96 -19.62 -22.00 -8.62
N HIS B 97 -20.13 -22.97 -7.83
CA HIS B 97 -19.66 -24.36 -7.89
C HIS B 97 -19.85 -24.98 -9.28
N ALA B 98 -21.03 -24.76 -9.92
CA ALA B 98 -21.32 -25.25 -11.28
C ALA B 98 -20.38 -24.58 -12.31
N ASN B 99 -19.86 -23.38 -11.98
CA ASN B 99 -18.92 -22.64 -12.82
C ASN B 99 -17.45 -22.99 -12.52
N ASN B 100 -17.21 -23.98 -11.64
CA ASN B 100 -15.87 -24.45 -11.28
C ASN B 100 -15.03 -23.35 -10.55
N VAL B 101 -15.70 -22.51 -9.78
CA VAL B 101 -15.04 -21.45 -9.01
C VAL B 101 -14.74 -22.00 -7.61
N LYS B 102 -13.50 -21.80 -7.12
CA LYS B 102 -13.10 -22.25 -5.81
C LYS B 102 -13.26 -21.09 -4.82
N ILE B 103 -13.97 -21.30 -3.72
CA ILE B 103 -14.19 -20.25 -2.72
C ILE B 103 -13.23 -20.41 -1.57
N GLN B 104 -12.53 -19.32 -1.19
CA GLN B 104 -11.63 -19.33 -0.04
C GLN B 104 -11.77 -18.05 0.73
N MET B 105 -11.18 -17.99 1.91
CA MET B 105 -11.23 -16.77 2.70
C MET B 105 -9.92 -16.49 3.40
N ILE B 106 -9.64 -15.20 3.65
CA ILE B 106 -8.45 -14.79 4.40
C ILE B 106 -8.91 -13.80 5.48
N GLY B 107 -8.21 -13.78 6.60
CA GLY B 107 -8.56 -12.86 7.69
C GLY B 107 -8.72 -13.58 9.01
N GLU B 108 -9.11 -12.81 10.05
CA GLU B 108 -9.30 -13.32 11.41
C GLU B 108 -10.77 -13.70 11.54
N THR B 109 -11.08 -14.88 11.09
CA THR B 109 -12.45 -15.36 10.99
C THR B 109 -13.04 -15.89 12.34
N ASP B 110 -12.30 -15.76 13.48
CA ASP B 110 -12.82 -16.14 14.81
C ASP B 110 -13.81 -15.10 15.34
N ARG B 111 -13.71 -13.84 14.88
CA ARG B 111 -14.64 -12.81 15.31
C ARG B 111 -15.97 -12.95 14.56
N LEU B 112 -15.98 -13.73 13.48
CA LEU B 112 -17.22 -13.92 12.73
C LEU B 112 -18.29 -14.63 13.56
N PRO B 113 -19.55 -14.20 13.46
CA PRO B 113 -20.64 -14.92 14.12
C PRO B 113 -20.66 -16.37 13.61
N LYS B 114 -20.99 -17.32 14.49
CA LYS B 114 -21.00 -18.77 14.18
C LYS B 114 -21.66 -19.13 12.85
N GLN B 115 -22.90 -18.65 12.60
CA GLN B 115 -23.63 -18.96 11.36
C GLN B 115 -22.93 -18.42 10.11
N THR B 116 -22.27 -17.25 10.23
CA THR B 116 -21.52 -16.65 9.11
C THR B 116 -20.31 -17.53 8.82
N PHE B 117 -19.53 -17.90 9.88
CA PHE B 117 -18.35 -18.77 9.75
C PHE B 117 -18.75 -20.13 9.12
N GLU B 118 -19.89 -20.68 9.54
CA GLU B 118 -20.38 -21.97 9.02
C GLU B 118 -20.80 -21.91 7.54
N ALA B 119 -21.48 -20.82 7.12
CA ALA B 119 -21.89 -20.63 5.74
C ALA B 119 -20.62 -20.54 4.85
N LEU B 120 -19.60 -19.77 5.27
CA LEU B 120 -18.34 -19.66 4.50
C LEU B 120 -17.58 -20.98 4.42
N THR B 121 -17.48 -21.70 5.55
CA THR B 121 -16.78 -23.00 5.59
C THR B 121 -17.50 -24.04 4.72
N LYS B 122 -18.84 -24.00 4.69
CA LYS B 122 -19.66 -24.91 3.88
C LYS B 122 -19.35 -24.66 2.38
N ALA B 123 -19.25 -23.38 1.97
CA ALA B 123 -18.94 -23.02 0.57
C ALA B 123 -17.50 -23.44 0.21
N GLU B 124 -16.56 -23.28 1.16
CA GLU B 124 -15.18 -23.71 0.96
C GLU B 124 -15.08 -25.19 0.75
N GLU B 125 -15.73 -25.99 1.63
CA GLU B 125 -15.74 -27.46 1.57
C GLU B 125 -16.38 -27.95 0.27
N LEU B 126 -17.49 -27.31 -0.14
CA LEU B 126 -18.16 -27.68 -1.38
C LEU B 126 -17.22 -27.50 -2.61
N THR B 127 -16.56 -26.34 -2.69
CA THR B 127 -15.75 -25.95 -3.86
C THR B 127 -14.24 -26.22 -3.76
N LYS B 128 -13.78 -26.91 -2.72
CA LYS B 128 -12.33 -27.08 -2.48
C LYS B 128 -11.55 -27.79 -3.61
N ASN B 129 -12.22 -28.62 -4.42
CA ASN B 129 -11.53 -29.35 -5.48
C ASN B 129 -11.59 -28.62 -6.83
N ASN B 130 -12.32 -27.51 -6.87
CA ASN B 130 -12.54 -26.74 -8.10
C ASN B 130 -11.23 -26.14 -8.62
N THR B 131 -11.07 -26.15 -9.96
CA THR B 131 -9.81 -25.76 -10.60
C THR B 131 -9.88 -24.45 -11.36
N GLY B 132 -11.02 -23.77 -11.33
CA GLY B 132 -11.17 -22.49 -12.01
C GLY B 132 -10.72 -21.35 -11.13
N LEU B 133 -11.26 -20.15 -11.38
CA LEU B 133 -10.93 -18.94 -10.62
C LEU B 133 -11.12 -19.18 -9.11
N ILE B 134 -10.19 -18.64 -8.31
CA ILE B 134 -10.32 -18.68 -6.86
C ILE B 134 -10.94 -17.35 -6.41
N LEU B 135 -12.14 -17.40 -5.83
CA LEU B 135 -12.79 -16.21 -5.26
C LEU B 135 -12.41 -16.21 -3.80
N ASN B 136 -11.54 -15.26 -3.43
CA ASN B 136 -10.93 -15.16 -2.11
C ASN B 136 -11.52 -14.00 -1.33
N PHE B 137 -12.32 -14.30 -0.31
CA PHE B 137 -12.98 -13.28 0.50
C PHE B 137 -12.07 -12.82 1.64
N ALA B 138 -11.69 -11.55 1.65
CA ALA B 138 -10.91 -11.03 2.79
C ALA B 138 -11.95 -10.59 3.83
N LEU B 139 -12.07 -11.33 4.92
CA LEU B 139 -13.12 -11.16 5.92
C LEU B 139 -12.54 -10.96 7.27
N ASN B 140 -12.94 -9.86 7.95
CA ASN B 140 -12.34 -9.42 9.22
C ASN B 140 -10.83 -9.36 8.96
N TYR B 141 -10.47 -8.67 7.87
CA TYR B 141 -9.11 -8.58 7.38
C TYR B 141 -8.57 -7.19 7.48
N GLY B 142 -7.30 -7.11 7.84
CA GLY B 142 -6.50 -5.90 7.84
C GLY B 142 -5.08 -6.30 7.52
N GLY B 143 -4.42 -5.58 6.62
CA GLY B 143 -3.05 -5.87 6.22
C GLY B 143 -2.05 -5.86 7.37
N ARG B 144 -2.06 -4.79 8.19
CA ARG B 144 -1.13 -4.72 9.34
C ARG B 144 -1.32 -5.88 10.32
N ALA B 145 -2.58 -6.29 10.58
CA ALA B 145 -2.94 -7.39 11.47
C ALA B 145 -2.45 -8.70 10.87
N GLU B 146 -2.59 -8.85 9.54
CA GLU B 146 -2.10 -10.06 8.85
C GLU B 146 -0.57 -10.21 9.03
N ILE B 147 0.16 -9.10 8.85
CA ILE B 147 1.63 -9.09 9.02
C ILE B 147 2.01 -9.37 10.48
N THR B 148 1.26 -8.79 11.43
CA THR B 148 1.49 -8.97 12.87
C THR B 148 1.30 -10.45 13.26
N GLN B 149 0.21 -11.09 12.78
CA GLN B 149 -0.04 -12.51 13.09
C GLN B 149 1.10 -13.38 12.54
N ALA B 150 1.63 -13.02 11.37
CA ALA B 150 2.74 -13.73 10.74
C ALA B 150 3.95 -13.68 11.66
N LEU B 151 4.19 -12.52 12.33
CA LEU B 151 5.29 -12.38 13.31
C LEU B 151 5.08 -13.19 14.60
N LYS B 152 3.85 -13.21 15.16
CA LYS B 152 3.57 -14.03 16.33
C LYS B 152 3.90 -15.50 16.03
N LEU B 153 3.57 -15.97 14.81
CA LEU B 153 3.84 -17.36 14.37
C LEU B 153 5.31 -17.58 14.15
N ILE B 154 6.00 -16.66 13.47
CA ILE B 154 7.44 -16.73 13.19
C ILE B 154 8.24 -16.73 14.49
N SER B 155 7.94 -15.78 15.41
CA SER B 155 8.59 -15.66 16.72
C SER B 155 8.47 -16.93 17.54
N GLN B 156 7.29 -17.56 17.55
CA GLN B 156 7.03 -18.82 18.24
C GLN B 156 7.92 -19.93 17.67
N ASP B 157 8.05 -20.00 16.32
CA ASP B 157 8.91 -20.98 15.63
C ASP B 157 10.38 -20.75 15.91
N VAL B 158 10.80 -19.48 16.05
CA VAL B 158 12.20 -19.13 16.37
C VAL B 158 12.50 -19.57 17.82
N LEU B 159 11.55 -19.31 18.74
CA LEU B 159 11.64 -19.66 20.16
C LEU B 159 11.67 -21.18 20.36
N ASP B 160 10.89 -21.94 19.56
CA ASP B 160 10.84 -23.40 19.57
C ASP B 160 12.00 -24.05 18.79
N ALA B 161 12.88 -23.22 18.18
CA ALA B 161 14.04 -23.61 17.37
C ALA B 161 13.68 -24.40 16.11
N LYS B 162 12.46 -24.20 15.59
CA LYS B 162 11.99 -24.82 14.35
C LYS B 162 12.70 -24.11 13.19
N ILE B 163 13.00 -22.82 13.39
CA ILE B 163 13.71 -21.93 12.49
C ILE B 163 14.60 -21.03 13.34
N ASN B 164 15.57 -20.34 12.70
CA ASN B 164 16.49 -19.41 13.33
C ASN B 164 16.12 -17.98 12.95
N PRO B 165 16.56 -16.93 13.69
CA PRO B 165 16.29 -15.55 13.24
C PRO B 165 16.90 -15.20 11.87
N GLY B 166 17.97 -15.90 11.48
CA GLY B 166 18.65 -15.73 10.20
C GLY B 166 17.82 -16.20 9.01
N ASP B 167 16.80 -17.06 9.28
CA ASP B 167 15.87 -17.58 8.28
C ASP B 167 14.75 -16.59 7.93
N ILE B 168 14.63 -15.47 8.69
CA ILE B 168 13.57 -14.49 8.46
C ILE B 168 13.92 -13.66 7.22
N THR B 169 13.30 -14.01 6.11
CA THR B 169 13.51 -13.35 4.81
C THR B 169 12.14 -12.92 4.28
N GLU B 170 12.12 -12.19 3.15
CA GLU B 170 10.85 -11.76 2.53
C GLU B 170 10.08 -12.98 2.08
N GLU B 171 10.80 -13.99 1.54
CA GLU B 171 10.19 -15.23 1.05
C GLU B 171 9.52 -15.98 2.21
N LEU B 172 10.18 -16.06 3.39
CA LEU B 172 9.61 -16.74 4.56
C LEU B 172 8.34 -16.02 5.04
N ILE B 173 8.38 -14.68 5.13
CA ILE B 173 7.22 -13.90 5.56
C ILE B 173 6.00 -14.22 4.68
N GLY B 174 6.20 -14.27 3.35
CA GLY B 174 5.13 -14.59 2.40
C GLY B 174 4.40 -15.90 2.69
N ASN B 175 5.15 -16.92 3.18
CA ASN B 175 4.64 -18.25 3.53
C ASN B 175 3.86 -18.25 4.86
N TYR B 176 3.92 -17.14 5.63
CA TYR B 176 3.21 -17.00 6.91
C TYR B 176 2.02 -16.04 6.82
N LEU B 177 1.85 -15.36 5.70
CA LEU B 177 0.71 -14.46 5.49
C LEU B 177 -0.53 -15.33 5.19
N PHE B 178 -1.76 -14.76 5.31
CA PHE B 178 -2.99 -15.51 5.06
C PHE B 178 -3.08 -16.00 3.63
N THR B 179 -2.43 -15.27 2.70
CA THR B 179 -2.39 -15.61 1.28
C THR B 179 -1.50 -16.82 0.98
N GLN B 180 -0.86 -17.42 2.01
CA GLN B 180 -0.02 -18.63 1.85
C GLN B 180 -0.81 -19.78 1.19
N HIS B 181 -2.15 -19.79 1.33
CA HIS B 181 -2.99 -20.86 0.75
C HIS B 181 -3.25 -20.68 -0.73
N LEU B 182 -2.87 -19.54 -1.33
CA LEU B 182 -3.00 -19.39 -2.77
C LEU B 182 -1.75 -20.03 -3.41
N PRO B 183 -1.82 -20.53 -4.67
CA PRO B 183 -0.58 -21.03 -5.31
C PRO B 183 0.50 -19.94 -5.29
N LYS B 184 1.78 -20.31 -5.04
CA LYS B 184 2.91 -19.38 -4.91
C LYS B 184 2.98 -18.28 -5.96
N ASP B 185 2.75 -18.59 -7.22
CA ASP B 185 2.83 -17.59 -8.29
C ASP B 185 1.55 -16.74 -8.44
N LEU B 186 0.59 -16.90 -7.55
CA LEU B 186 -0.67 -16.16 -7.59
C LEU B 186 -0.98 -15.38 -6.32
N ARG B 187 -0.04 -15.34 -5.36
CA ARG B 187 -0.26 -14.70 -4.06
C ARG B 187 -0.40 -13.20 -4.12
N ASP B 188 0.28 -12.59 -5.07
CA ASP B 188 0.28 -11.14 -5.20
C ASP B 188 -0.69 -10.64 -6.29
N PRO B 189 -1.58 -9.68 -5.97
CA PRO B 189 -2.44 -9.13 -7.05
C PRO B 189 -1.60 -8.38 -8.08
N ASP B 190 -1.95 -8.58 -9.33
CA ASP B 190 -1.34 -7.91 -10.48
C ASP B 190 -1.98 -6.56 -10.63
N LEU B 191 -3.26 -6.51 -10.26
CA LEU B 191 -4.10 -5.32 -10.38
C LEU B 191 -5.01 -5.19 -9.18
N ILE B 192 -5.11 -3.97 -8.63
CA ILE B 192 -6.04 -3.68 -7.54
C ILE B 192 -7.02 -2.62 -8.05
N ILE B 193 -8.32 -2.92 -7.93
CA ILE B 193 -9.42 -2.06 -8.37
C ILE B 193 -10.11 -1.46 -7.15
N ARG B 194 -10.35 -0.15 -7.17
CA ARG B 194 -11.20 0.48 -6.17
C ARG B 194 -12.30 1.25 -6.90
N THR B 195 -13.55 1.00 -6.53
CA THR B 195 -14.71 1.66 -7.15
C THR B 195 -15.12 2.91 -6.37
N SER B 196 -16.12 3.64 -6.89
CA SER B 196 -16.74 4.85 -6.38
C SER B 196 -15.79 6.07 -6.32
N GLY B 197 -14.70 6.05 -7.08
CA GLY B 197 -13.76 7.18 -7.14
C GLY B 197 -12.99 7.49 -5.87
N GLU B 198 -12.91 6.52 -4.95
CA GLU B 198 -12.21 6.64 -3.67
C GLU B 198 -10.73 6.32 -3.93
N LEU B 199 -9.81 7.27 -3.65
CA LEU B 199 -8.37 7.12 -3.93
C LEU B 199 -7.53 6.78 -2.69
N ARG B 200 -7.74 5.56 -2.16
CA ARG B 200 -6.99 4.97 -1.04
C ARG B 200 -7.16 3.47 -1.03
N LEU B 201 -6.17 2.75 -0.46
CA LEU B 201 -6.12 1.29 -0.46
C LEU B 201 -6.61 0.66 0.82
N SER B 202 -6.67 1.44 1.90
CA SER B 202 -7.31 1.07 3.14
C SER B 202 -6.80 -0.22 3.75
N ASN B 203 -5.48 -0.39 3.82
CA ASN B 203 -4.88 -1.53 4.50
C ASN B 203 -5.24 -2.87 3.82
N PHE B 204 -5.40 -2.87 2.50
CA PHE B 204 -5.75 -4.07 1.74
C PHE B 204 -4.52 -4.63 1.06
N LEU B 205 -4.10 -5.85 1.46
CA LEU B 205 -2.91 -6.55 0.92
C LEU B 205 -1.67 -5.63 0.79
N PRO B 206 -1.26 -4.87 1.85
CA PRO B 206 -0.11 -3.97 1.69
C PRO B 206 1.18 -4.68 1.34
N TRP B 207 1.42 -5.88 1.87
CA TRP B 207 2.64 -6.63 1.51
C TRP B 207 2.50 -7.19 0.08
N GLN B 208 1.43 -7.98 -0.17
CA GLN B 208 1.22 -8.70 -1.44
C GLN B 208 1.05 -7.74 -2.60
N GLY B 209 0.38 -6.62 -2.35
CA GLY B 209 0.11 -5.64 -3.40
C GLY B 209 1.15 -4.53 -3.54
N ALA B 210 2.33 -4.70 -2.91
CA ALA B 210 3.38 -3.67 -2.91
C ALA B 210 3.78 -3.19 -4.31
N TYR B 211 3.73 -4.05 -5.33
CA TYR B 211 4.08 -3.67 -6.70
C TYR B 211 2.90 -3.72 -7.67
N SER B 212 1.65 -3.80 -7.16
CA SER B 212 0.46 -3.95 -8.01
C SER B 212 0.15 -2.72 -8.84
N GLU B 213 -0.41 -2.94 -10.05
CA GLU B 213 -0.95 -1.83 -10.85
C GLU B 213 -2.26 -1.44 -10.12
N LEU B 214 -2.59 -0.15 -10.08
CA LEU B 214 -3.82 0.31 -9.44
C LEU B 214 -4.79 0.83 -10.48
N TYR B 215 -6.09 0.64 -10.25
CA TYR B 215 -7.13 1.12 -11.15
C TYR B 215 -8.28 1.68 -10.34
N PHE B 216 -8.64 2.93 -10.61
CA PHE B 216 -9.72 3.61 -9.91
C PHE B 216 -10.81 3.97 -10.88
N THR B 217 -12.05 3.76 -10.49
CA THR B 217 -13.21 4.12 -11.30
C THR B 217 -14.24 4.82 -10.44
N ASP B 218 -14.99 5.77 -11.03
CA ASP B 218 -16.09 6.47 -10.34
C ASP B 218 -17.32 5.56 -10.26
N THR B 219 -17.36 4.51 -11.08
CA THR B 219 -18.47 3.55 -11.09
C THR B 219 -18.71 3.00 -9.67
N LEU B 220 -19.97 3.02 -9.21
CA LEU B 220 -20.36 2.49 -7.89
C LEU B 220 -20.35 0.97 -8.01
N TRP B 221 -19.89 0.25 -6.98
CA TRP B 221 -19.76 -1.20 -7.01
C TRP B 221 -21.01 -1.97 -7.54
N PRO B 222 -22.28 -1.72 -7.11
CA PRO B 222 -23.40 -2.49 -7.68
C PRO B 222 -23.57 -2.34 -9.20
N ASP B 223 -22.98 -1.29 -9.80
CA ASP B 223 -23.00 -1.02 -11.25
C ASP B 223 -21.79 -1.61 -11.95
N PHE B 224 -20.80 -2.14 -11.19
CA PHE B 224 -19.59 -2.73 -11.79
C PHE B 224 -19.95 -4.10 -12.36
N ASP B 225 -19.93 -4.22 -13.69
CA ASP B 225 -20.33 -5.43 -14.39
C ASP B 225 -19.21 -5.98 -15.28
N GLU B 226 -19.54 -6.87 -16.24
CA GLU B 226 -18.53 -7.43 -17.15
C GLU B 226 -17.85 -6.36 -18.01
N ALA B 227 -18.62 -5.40 -18.56
CA ALA B 227 -18.06 -4.32 -19.36
C ALA B 227 -17.07 -3.48 -18.53
N ALA B 228 -17.40 -3.21 -17.25
CA ALA B 228 -16.53 -2.45 -16.35
C ALA B 228 -15.23 -3.25 -16.05
N LEU B 229 -15.35 -4.59 -15.90
CA LEU B 229 -14.21 -5.47 -15.68
C LEU B 229 -13.31 -5.47 -16.93
N GLN B 230 -13.90 -5.53 -18.13
CA GLN B 230 -13.17 -5.48 -19.39
C GLN B 230 -12.38 -4.16 -19.53
N GLU B 231 -12.96 -3.01 -19.09
CA GLU B 231 -12.29 -1.70 -19.14
C GLU B 231 -11.08 -1.70 -18.19
N ALA B 232 -11.23 -2.36 -17.03
CA ALA B 232 -10.14 -2.44 -16.06
C ALA B 232 -8.99 -3.28 -16.61
N ILE B 233 -9.30 -4.40 -17.27
CA ILE B 233 -8.33 -5.31 -17.87
C ILE B 233 -7.60 -4.61 -19.03
N LEU B 234 -8.36 -3.84 -19.84
CA LEU B 234 -7.82 -3.08 -20.98
C LEU B 234 -6.80 -2.07 -20.47
N ALA B 235 -7.17 -1.30 -19.41
CA ALA B 235 -6.28 -0.32 -18.77
C ALA B 235 -5.01 -1.00 -18.24
N TYR B 236 -5.14 -2.18 -17.57
CA TYR B 236 -4.02 -2.97 -17.07
C TYR B 236 -3.06 -3.35 -18.23
N ASN B 237 -3.62 -3.75 -19.39
CA ASN B 237 -2.83 -4.16 -20.56
C ASN B 237 -2.06 -3.03 -21.21
N ARG B 238 -2.49 -1.77 -21.02
CA ARG B 238 -1.80 -0.60 -21.56
C ARG B 238 -0.67 -0.12 -20.63
N ARG B 239 -0.54 -0.71 -19.43
CA ARG B 239 0.51 -0.33 -18.47
C ARG B 239 1.89 -0.79 -18.94
CP3 2ZW C . 19.49 9.65 -4.43
CP1 2ZW C . 20.71 10.54 -4.21
CP2 2ZW C . 21.77 9.79 -3.41
C44 2ZW C . 20.31 11.87 -3.58
C45 2ZW C . 20.02 12.97 -4.39
C46 2ZW C . 19.68 14.20 -3.85
C43 2ZW C . 20.23 12.05 -2.20
C42 2ZW C . 19.89 13.26 -1.64
C41 2ZW C . 19.62 14.36 -2.47
N3 2ZW C . 19.33 15.59 -1.83
C3 2ZW C . 18.62 16.69 -2.29
O3 2ZW C . 17.98 16.69 -3.33
C25 2ZW C . 18.61 17.88 -1.40
C24 2ZW C . 17.78 18.94 -1.52
CM 2ZW C . 16.88 19.45 -2.58
O23 2ZW C . 17.76 19.61 -0.35
N22 2ZW C . 18.63 18.94 0.56
C21 2ZW C . 19.16 17.93 -0.11
C11 2ZW C . 20.38 17.38 0.53
C12 2ZW C . 21.65 17.45 -0.01
CL 2ZW C . 21.96 18.34 -1.47
C13 2ZW C . 22.74 16.90 0.65
C14 2ZW C . 22.56 16.26 1.87
C15 2ZW C . 21.30 16.24 2.44
C16 2ZW C . 20.23 16.84 1.81
H1 2ZW C . 19.77 8.63 -4.68
H2 2ZW C . 18.85 9.59 -3.55
H3 2ZW C . 18.85 10.00 -5.24
H4 2ZW C . 21.13 10.77 -5.18
H5 2ZW C . 22.60 10.42 -3.13
H6 2ZW C . 22.18 8.96 -3.99
H7 2ZW C . 21.38 9.35 -2.48
H8 2ZW C . 20.01 12.86 -5.47
H9 2ZW C . 19.50 15.03 -4.53
H10 2ZW C . 20.42 11.21 -1.52
H11 2ZW C . 19.84 13.33 -0.55
H12 2ZW C . 19.67 15.60 -0.87
H13 2ZW C . 16.19 20.21 -2.23
H14 2ZW C . 16.27 18.65 -3.00
H15 2ZW C . 17.45 19.89 -3.40
H16 2ZW C . 23.74 16.99 0.23
H17 2ZW C . 23.40 15.79 2.37
H18 2ZW C . 21.13 15.67 3.36
H19 2ZW C . 19.28 16.88 2.34
C1 FPP D . 12.57 9.59 -11.28
O1 FPP D . 12.57 9.76 -12.69
C2 FPP D . 13.93 9.20 -10.85
C3 FPP D . 14.23 8.19 -10.03
C4 FPP D . 13.21 7.24 -9.45
C5 FPP D . 15.66 7.95 -9.61
C6 FPP D . 16.03 8.60 -8.23
C7 FPP D . 15.81 10.08 -8.19
C8 FPP D . 16.68 11.06 -8.45
C10 FPP D . 18.12 10.80 -8.79
C9 FPP D . 16.26 12.50 -8.45
C11 FPP D . 17.08 13.45 -7.54
C12 FPP D . 16.89 13.11 -6.09
C13 FPP D . 16.27 13.79 -5.13
C14 FPP D . 16.17 13.26 -3.73
C15 FPP D . 15.64 15.13 -5.33
PA FPP D . 12.90 8.65 -13.80
O1A FPP D . 14.35 8.56 -14.12
O2A FPP D . 12.36 7.31 -13.46
O3A FPP D . 12.10 9.22 -15.06
PB FPP D . 11.36 8.54 -16.30
O1B FPP D . 10.82 9.57 -17.18
O2B FPP D . 10.34 7.56 -15.70
O3B FPP D . 12.45 7.71 -16.96
CD CD E . 10.46 6.33 -13.89
CD CD F . 23.31 -2.99 6.82
CD CD G . -4.83 -3.04 12.60
CD CD H . -0.67 10.77 11.54
CD CD I . 32.04 22.86 0.31
CD CD J . 18.11 27.00 -7.05
CD CD K . 4.17 4.18 -17.31
CD CD L . 17.25 28.45 -3.53
CD CD M . 17.06 -5.06 19.40
CP3 2ZW N . -19.21 -9.46 4.42
CP1 2ZW N . -20.30 -10.52 4.58
CP2 2ZW N . -20.10 -11.33 5.87
C44 2ZW N . -20.40 -11.37 3.33
C45 2ZW N . -21.26 -10.99 2.32
C46 2ZW N . -21.36 -11.73 1.15
C43 2ZW N . -19.61 -12.50 3.14
C42 2ZW N . -19.68 -13.23 1.97
C41 2ZW N . -20.58 -12.86 0.97
N3 2ZW N . -20.71 -13.70 -0.16
C3 2ZW N . -21.12 -13.40 -1.44
O3 2ZW N . -21.48 -12.28 -1.79
C25 2ZW N . -21.13 -14.51 -2.40
C24 2ZW N . -21.21 -14.39 -3.75
CM 2ZW N . -21.50 -13.27 -4.68
O23 2ZW N . -21.09 -15.60 -4.31
N22 2ZW N . -20.95 -16.55 -3.27
C21 2ZW N . -21.00 -15.88 -2.13
C11 2ZW N . -20.94 -16.75 -0.96
C12 2ZW N . -22.07 -16.93 -0.15
CL 2ZW N . -23.57 -16.16 -0.56
C13 2ZW N . -22.01 -17.70 1.00
C14 2ZW N . -20.82 -18.29 1.37
C15 2ZW N . -19.68 -18.10 0.60
C16 2ZW N . -19.74 -17.34 -0.55
H1 2ZW N . -18.30 -9.89 3.99
H2 2ZW N . -19.52 -8.66 3.76
H3 2ZW N . -18.92 -9.01 5.36
H4 2ZW N . -21.24 -9.98 4.68
H5 2ZW N . -19.10 -11.77 5.93
H6 2ZW N . -20.22 -10.70 6.75
H7 2ZW N . -20.81 -12.15 5.97
H8 2ZW N . -21.86 -10.09 2.41
H9 2ZW N . -22.07 -11.39 0.40
H10 2ZW N . -18.92 -12.84 3.91
H11 2ZW N . -19.04 -14.11 1.87
H12 2ZW N . -20.40 -14.64 0.05
H13 2ZW N . -22.56 -13.04 -4.75
H14 2ZW N . -20.98 -12.36 -4.37
H15 2ZW N . -21.16 -13.52 -5.68
H16 2ZW N . -22.91 -17.84 1.59
H17 2ZW N . -20.77 -18.90 2.27
H18 2ZW N . -18.73 -18.53 0.91
H19 2ZW N . -18.83 -17.24 -1.14
C1 FPP O . -19.00 -0.74 0.24
O1 FPP O . -19.99 0.28 0.11
C2 FPP O . -19.33 -1.58 1.41
C3 FPP O . -18.54 -1.99 2.38
C4 FPP O . -17.07 -1.64 2.48
C5 FPP O . -19.06 -2.88 3.49
C6 FPP O . -18.84 -4.39 3.25
C7 FPP O . -19.46 -4.89 1.96
C8 FPP O . -20.65 -5.45 1.79
C10 FPP O . -21.60 -5.72 2.93
C9 FPP O . -21.16 -5.84 0.42
C11 FPP O . -21.62 -7.31 0.32
C12 FPP O . -20.43 -8.24 0.33
C13 FPP O . -19.88 -8.90 -0.67
C14 FPP O . -18.69 -9.79 -0.47
C15 FPP O . -20.38 -8.84 -2.08
PA FPP O . -20.25 1.45 1.19
O1A FPP O . -21.26 0.92 2.14
O2A FPP O . -18.97 1.86 1.92
O3A FPP O . -20.82 2.69 0.38
PB FPP O . -20.70 4.27 0.49
O1B FPP O . -21.42 4.79 -0.69
O2B FPP O . -19.23 4.66 0.48
O3B FPP O . -21.34 4.61 1.82
CD CD P . -17.56 3.48 1.44
CD CD Q . 1.87 -13.67 -9.69
CD CD R . -10.32 3.62 5.85
CD CD S . 12.85 -6.78 -1.41
CD CD T . -14.98 9.08 0.92
CD CD U . 4.68 -22.63 13.38
#